data_5ROF
#
_entry.id   5ROF
#
_cell.length_a   68.300
_cell.length_b   68.300
_cell.length_c   102.680
_cell.angle_alpha   90.000
_cell.angle_beta   90.000
_cell.angle_gamma   90.000
#
_symmetry.space_group_name_H-M   'P 43 21 2'
#
loop_
_entity.id
_entity.type
_entity.pdbx_description
1 polymer 'Proteinase K'
2 non-polymer 'SULFATE ION'
3 non-polymer 2-(1H-indol-3-yl)-N-[(1-methyl-1H-pyrrol-2-yl)methyl]ethanamine
4 water water
#
_entity_poly.entity_id   1
_entity_poly.type   'polypeptide(L)'
_entity_poly.pdbx_seq_one_letter_code
;AAQTNAPWGLARISSTSPGTSTYYYDESAGQGSCVYVIDTGIEASHPEFEGRAQMVKTYYYSSRDGNGHGTHCAGTVGSR
TYGVAKKTQLFGVKVLDDNGSGQYSTIIAGMDFVASDKNNRNCPKGVVASLSLGGGYSSSVNSAAARLQSSGVMVAVAAG
NNNADARNYSPASEPSVCTVGASDRYDRRSSFSNYGSVLDIFGPGTDILSTWIGGSTRSISGTSMATPHVAGLAAYLMTL
GKTTAASACRYIADTANKGDLSNIPFGTVNLLAYNNYQA
;
_entity_poly.pdbx_strand_id   A
#
loop_
_chem_comp.id
_chem_comp.type
_chem_comp.name
_chem_comp.formula
4AQ non-polymer 2-(1H-indol-3-yl)-N-[(1-methyl-1H-pyrrol-2-yl)methyl]ethanamine 'C16 H19 N3'
SO4 non-polymer 'SULFATE ION' 'O4 S -2'
#
# COMPACT_ATOMS: atom_id res chain seq x y z
N ALA A 1 5.50 8.04 -19.44
CA ALA A 1 5.82 9.25 -18.69
C ALA A 1 7.08 9.03 -17.86
N ALA A 2 7.83 10.10 -17.62
CA ALA A 2 9.03 10.06 -16.81
C ALA A 2 8.98 11.17 -15.78
N GLN A 3 9.14 10.81 -14.51
CA GLN A 3 9.25 11.77 -13.41
C GLN A 3 10.71 11.77 -12.96
N THR A 4 11.42 12.86 -13.25
CA THR A 4 12.81 12.93 -12.84
C THR A 4 12.91 13.25 -11.34
N ASN A 5 14.05 12.86 -10.77
CA ASN A 5 14.35 13.09 -9.36
C ASN A 5 13.21 12.61 -8.48
N ALA A 6 12.73 11.41 -8.78
CA ALA A 6 11.65 10.82 -8.02
C ALA A 6 12.20 10.19 -6.74
N PRO A 7 11.34 9.97 -5.74
CA PRO A 7 11.77 9.18 -4.58
C PRO A 7 12.30 7.84 -5.05
N TRP A 8 13.29 7.31 -4.32
CA TRP A 8 13.98 6.11 -4.80
C TRP A 8 13.01 4.96 -4.99
N GLY A 9 11.96 4.86 -4.17
CA GLY A 9 11.07 3.72 -4.26
C GLY A 9 10.23 3.73 -5.52
N LEU A 10 9.82 4.92 -5.97
CA LEU A 10 9.13 5.01 -7.25
C LEU A 10 10.05 4.59 -8.39
N ALA A 11 11.27 5.13 -8.40
CA ALA A 11 12.22 4.72 -9.43
C ALA A 11 12.46 3.21 -9.37
N ARG A 12 12.49 2.65 -8.17
CA ARG A 12 12.77 1.22 -8.04
C ARG A 12 11.67 0.39 -8.66
N ILE A 13 10.41 0.77 -8.47
CA ILE A 13 9.32 -0.04 -8.97
C ILE A 13 9.21 -0.03 -10.49
N SER A 14 9.87 0.89 -11.18
CA SER A 14 9.88 0.87 -12.64
C SER A 14 11.23 0.51 -13.22
N SER A 15 12.09 -0.15 -12.44
CA SER A 15 13.46 -0.43 -12.86
C SER A 15 13.83 -1.88 -12.66
N THR A 16 14.67 -2.39 -13.57
CA THR A 16 15.30 -3.68 -13.38
C THR A 16 16.56 -3.60 -12.52
N SER A 17 16.96 -2.41 -12.07
CA SER A 17 18.16 -2.23 -11.28
C SER A 17 17.93 -1.19 -10.18
N PRO A 18 18.57 -1.36 -9.04
CA PRO A 18 18.60 -0.28 -8.04
C PRO A 18 19.52 0.84 -8.50
N GLY A 19 19.43 1.97 -7.81
CA GLY A 19 20.37 3.05 -8.01
C GLY A 19 20.03 4.03 -9.12
N THR A 20 18.77 4.11 -9.53
CA THR A 20 18.32 5.13 -10.45
C THR A 20 17.28 6.00 -9.78
N SER A 21 16.94 7.12 -10.43
CA SER A 21 16.15 8.14 -9.75
C SER A 21 15.01 8.70 -10.60
N THR A 22 14.69 8.07 -11.71
CA THR A 22 13.56 8.49 -12.55
C THR A 22 12.50 7.40 -12.51
N TYR A 23 11.25 7.80 -12.29
CA TYR A 23 10.11 6.89 -12.28
C TYR A 23 9.44 6.93 -13.65
N TYR A 24 9.25 5.76 -14.27
CA TYR A 24 8.65 5.64 -15.58
C TYR A 24 7.33 4.88 -15.45
N TYR A 25 6.27 5.41 -16.05
CA TYR A 25 4.96 4.79 -15.88
C TYR A 25 4.04 5.22 -17.03
N ASP A 26 3.04 4.39 -17.30
CA ASP A 26 2.04 4.73 -18.30
C ASP A 26 1.17 5.89 -17.80
N GLU A 27 0.94 6.85 -18.69
CA GLU A 27 0.26 8.08 -18.31
C GLU A 27 -1.17 7.86 -17.82
N SER A 28 -1.76 6.69 -18.08
CA SER A 28 -3.10 6.43 -17.53
C SER A 28 -3.10 6.57 -16.00
N ALA A 29 -2.01 6.16 -15.35
CA ALA A 29 -1.70 6.58 -13.98
C ALA A 29 -2.78 6.19 -12.96
N GLY A 30 -3.48 5.08 -13.18
CA GLY A 30 -4.53 4.69 -12.25
C GLY A 30 -5.83 5.45 -12.38
N GLN A 31 -5.98 6.27 -13.43
CA GLN A 31 -7.26 6.94 -13.67
C GLN A 31 -8.41 5.95 -13.72
N GLY A 32 -9.48 6.23 -12.99
CA GLY A 32 -10.64 5.38 -12.99
C GLY A 32 -10.63 4.28 -11.95
N SER A 33 -9.52 4.13 -11.22
CA SER A 33 -9.43 3.23 -10.08
C SER A 33 -9.63 4.01 -8.78
N CYS A 34 -9.79 3.27 -7.69
CA CYS A 34 -9.93 3.86 -6.37
C CYS A 34 -9.09 3.07 -5.38
N VAL A 35 -8.47 3.76 -4.43
CA VAL A 35 -7.71 3.12 -3.36
C VAL A 35 -8.20 3.65 -2.02
N TYR A 36 -8.67 2.74 -1.17
CA TYR A 36 -9.00 3.07 0.21
C TYR A 36 -7.76 2.93 1.07
N VAL A 37 -7.47 3.96 1.86
CA VAL A 37 -6.36 3.95 2.79
C VAL A 37 -6.97 3.87 4.18
N ILE A 38 -6.83 2.70 4.80
CA ILE A 38 -7.48 2.38 6.07
C ILE A 38 -6.41 2.58 7.14
N ASP A 39 -6.51 3.69 7.90
CA ASP A 39 -5.35 4.19 8.63
C ASP A 39 -5.76 5.29 9.61
N THR A 40 -4.87 6.25 9.86
CA THR A 40 -5.15 7.37 10.77
C THR A 40 -5.88 8.52 10.09
N GLY A 41 -6.28 8.37 8.83
CA GLY A 41 -6.90 9.44 8.07
C GLY A 41 -5.98 9.92 6.95
N ILE A 42 -6.46 10.93 6.22
CA ILE A 42 -5.70 11.57 5.15
C ILE A 42 -5.95 13.07 5.22
N GLU A 43 -4.88 13.86 5.17
CA GLU A 43 -5.02 15.31 5.03
C GLU A 43 -5.34 15.60 3.58
N ALA A 44 -6.63 15.56 3.25
CA ALA A 44 -7.05 15.68 1.85
C ALA A 44 -6.74 17.05 1.26
N SER A 45 -6.60 18.09 2.09
CA SER A 45 -6.30 19.42 1.60
C SER A 45 -4.86 19.57 1.11
N HIS A 46 -4.01 18.57 1.33
CA HIS A 46 -2.62 18.69 0.92
C HIS A 46 -2.56 18.92 -0.59
N PRO A 47 -1.85 19.96 -1.05
CA PRO A 47 -1.78 20.20 -2.51
C PRO A 47 -1.34 19.00 -3.31
N GLU A 48 -0.55 18.12 -2.71
CA GLU A 48 -0.07 16.94 -3.41
C GLU A 48 -1.18 16.00 -3.84
N PHE A 49 -2.37 16.08 -3.24
CA PHE A 49 -3.47 15.19 -3.62
C PHE A 49 -4.36 15.76 -4.72
N GLU A 50 -4.26 17.06 -5.00
CA GLU A 50 -4.90 17.66 -6.18
C GLU A 50 -6.42 17.46 -6.19
N GLY A 51 -7.03 17.41 -5.01
CA GLY A 51 -8.46 17.23 -4.94
C GLY A 51 -8.93 15.80 -5.13
N ARG A 52 -8.02 14.85 -5.32
CA ARG A 52 -8.37 13.46 -5.55
C ARG A 52 -8.51 12.63 -4.29
N ALA A 53 -8.26 13.22 -3.12
CA ALA A 53 -8.40 12.52 -1.85
C ALA A 53 -9.59 13.05 -1.08
N GLN A 54 -10.28 12.16 -0.37
CA GLN A 54 -11.35 12.57 0.51
C GLN A 54 -11.47 11.56 1.64
N MET A 55 -11.94 12.04 2.78
CA MET A 55 -12.28 11.15 3.88
C MET A 55 -13.71 10.67 3.71
N VAL A 56 -13.93 9.37 3.85
CA VAL A 56 -15.27 8.80 3.73
C VAL A 56 -15.81 8.23 5.03
N LYS A 57 -14.97 7.98 6.04
CA LYS A 57 -15.45 7.35 7.26
C LYS A 57 -14.43 7.59 8.37
N THR A 58 -14.94 7.85 9.58
CA THR A 58 -14.13 7.85 10.78
C THR A 58 -14.93 7.23 11.92
N TYR A 59 -14.21 6.65 12.86
CA TYR A 59 -14.81 6.09 14.08
C TYR A 59 -14.51 6.94 15.29
N TYR A 60 -13.95 8.14 15.09
CA TYR A 60 -13.48 9.02 16.16
C TYR A 60 -14.10 10.41 15.98
N TYR A 61 -13.75 11.33 16.88
CA TYR A 61 -14.38 12.65 16.90
C TYR A 61 -14.04 13.48 15.66
N SER A 62 -12.99 13.11 14.93
CA SER A 62 -12.64 13.82 13.72
C SER A 62 -12.23 12.81 12.67
N SER A 63 -12.38 13.19 11.41
CA SER A 63 -11.81 12.42 10.32
C SER A 63 -10.43 12.92 9.91
N ARG A 64 -9.96 13.98 10.56
CA ARG A 64 -8.64 14.51 10.25
C ARG A 64 -7.55 13.55 10.70
N ASP A 65 -6.46 13.55 9.94
CA ASP A 65 -5.26 12.81 10.31
C ASP A 65 -4.46 13.70 11.26
N GLY A 66 -4.54 13.40 12.56
CA GLY A 66 -3.73 14.09 13.54
C GLY A 66 -2.39 13.45 13.80
N ASN A 67 -2.05 12.42 13.03
CA ASN A 67 -0.80 11.69 13.22
C ASN A 67 0.20 11.94 12.09
N GLY A 68 -0.22 11.72 10.84
CA GLY A 68 0.65 11.81 9.67
C GLY A 68 0.81 10.49 8.94
N HIS A 69 0.73 9.37 9.68
CA HIS A 69 0.97 8.06 9.08
C HIS A 69 0.04 7.80 7.90
N GLY A 70 -1.26 8.03 8.07
CA GLY A 70 -2.19 7.77 6.97
C GLY A 70 -1.96 8.68 5.78
N THR A 71 -1.62 9.94 6.05
CA THR A 71 -1.32 10.89 4.98
C THR A 71 -0.08 10.45 4.21
N HIS A 72 0.94 9.96 4.93
CA HIS A 72 2.15 9.48 4.28
C HIS A 72 1.84 8.29 3.37
N CYS A 73 1.08 7.33 3.89
CA CYS A 73 0.74 6.15 3.09
C CYS A 73 -0.08 6.55 1.88
N ALA A 74 -1.07 7.43 2.07
CA ALA A 74 -1.88 7.88 0.94
C ALA A 74 -1.02 8.57 -0.11
N GLY A 75 -0.02 9.34 0.33
CA GLY A 75 0.87 10.00 -0.60
C GLY A 75 1.65 9.02 -1.46
N THR A 76 2.04 7.88 -0.88
CA THR A 76 2.77 6.88 -1.65
C THR A 76 1.84 6.17 -2.65
N VAL A 77 0.57 6.00 -2.29
CA VAL A 77 -0.37 5.43 -3.25
C VAL A 77 -0.53 6.36 -4.44
N GLY A 78 -0.83 7.64 -4.18
CA GLY A 78 -1.42 8.48 -5.21
C GLY A 78 -1.13 9.96 -5.23
N SER A 79 -0.15 10.47 -4.48
CA SER A 79 0.16 11.89 -4.61
C SER A 79 0.89 12.18 -5.92
N ARG A 80 0.82 13.45 -6.34
CA ARG A 80 1.39 13.83 -7.63
C ARG A 80 2.91 13.60 -7.69
N THR A 81 3.63 13.92 -6.61
CA THR A 81 5.07 13.75 -6.61
C THR A 81 5.51 12.42 -6.00
N TYR A 82 4.84 11.98 -4.94
CA TYR A 82 5.31 10.84 -4.16
C TYR A 82 4.56 9.55 -4.44
N GLY A 83 3.59 9.58 -5.34
CA GLY A 83 2.70 8.46 -5.55
C GLY A 83 2.98 7.58 -6.74
N VAL A 84 2.60 6.31 -6.60
CA VAL A 84 2.72 5.32 -7.68
C VAL A 84 1.66 5.56 -8.76
N ALA A 85 0.41 5.79 -8.33
CA ALA A 85 -0.77 5.88 -9.21
C ALA A 85 -1.28 7.30 -9.10
N LYS A 86 -0.73 8.17 -9.93
CA LYS A 86 -0.87 9.62 -9.72
C LYS A 86 -2.23 10.18 -10.10
N LYS A 87 -3.13 9.36 -10.66
CA LYS A 87 -4.46 9.82 -11.02
C LYS A 87 -5.56 8.98 -10.37
N THR A 88 -5.23 8.13 -9.42
CA THR A 88 -6.26 7.35 -8.72
C THR A 88 -7.06 8.26 -7.78
N GLN A 89 -8.25 7.79 -7.41
CA GLN A 89 -9.03 8.43 -6.37
C GLN A 89 -8.70 7.78 -5.02
N LEU A 90 -8.50 8.59 -3.99
CA LEU A 90 -8.10 8.12 -2.67
C LEU A 90 -9.24 8.35 -1.68
N PHE A 91 -9.59 7.31 -0.94
CA PHE A 91 -10.66 7.37 0.05
C PHE A 91 -10.09 6.99 1.40
N GLY A 92 -10.20 7.89 2.37
CA GLY A 92 -9.69 7.63 3.71
C GLY A 92 -10.71 7.06 4.66
N VAL A 93 -10.31 6.03 5.39
CA VAL A 93 -11.14 5.40 6.42
C VAL A 93 -10.31 5.43 7.70
N LYS A 94 -10.74 6.23 8.68
CA LYS A 94 -9.93 6.45 9.89
C LYS A 94 -10.33 5.43 10.96
N VAL A 95 -9.60 4.32 10.98
CA VAL A 95 -9.76 3.28 12.01
C VAL A 95 -8.75 3.41 13.14
N LEU A 96 -7.70 4.23 12.97
CA LEU A 96 -6.68 4.42 13.98
C LEU A 96 -6.77 5.83 14.54
N ASP A 97 -6.57 5.97 15.84
CA ASP A 97 -6.61 7.29 16.46
C ASP A 97 -5.33 8.07 16.12
N ASP A 98 -5.22 9.29 16.67
CA ASP A 98 -4.09 10.13 16.30
C ASP A 98 -2.77 9.67 16.92
N ASN A 99 -2.79 8.68 17.81
CA ASN A 99 -1.58 8.02 18.26
C ASN A 99 -1.25 6.79 17.44
N GLY A 100 -2.03 6.50 16.39
CA GLY A 100 -1.81 5.31 15.60
C GLY A 100 -2.39 4.04 16.17
N SER A 101 -3.20 4.12 17.21
CA SER A 101 -3.74 2.94 17.87
C SER A 101 -5.20 2.74 17.45
N GLY A 102 -5.62 1.48 17.44
CA GLY A 102 -7.01 1.17 17.17
C GLY A 102 -7.42 -0.21 17.64
N GLN A 103 -8.66 -0.34 18.10
CA GLN A 103 -9.17 -1.63 18.50
C GLN A 103 -9.42 -2.50 17.28
N TYR A 104 -9.15 -3.80 17.41
CA TYR A 104 -9.43 -4.72 16.32
C TYR A 104 -10.89 -4.64 15.88
N SER A 105 -11.81 -4.43 16.81
CA SER A 105 -13.23 -4.37 16.44
C SER A 105 -13.50 -3.19 15.51
N THR A 106 -12.81 -2.07 15.73
CA THR A 106 -12.95 -0.92 14.83
C THR A 106 -12.31 -1.18 13.49
N ILE A 107 -11.14 -1.81 13.48
CA ILE A 107 -10.48 -2.14 12.23
C ILE A 107 -11.35 -3.08 11.39
N ILE A 108 -11.95 -4.08 12.03
CA ILE A 108 -12.86 -5.00 11.34
C ILE A 108 -14.05 -4.25 10.76
N ALA A 109 -14.67 -3.37 11.56
CA ALA A 109 -15.77 -2.56 11.05
C ALA A 109 -15.34 -1.75 9.84
N GLY A 110 -14.12 -1.20 9.87
CA GLY A 110 -13.64 -0.42 8.74
C GLY A 110 -13.49 -1.25 7.47
N MET A 111 -12.99 -2.48 7.59
CA MET A 111 -12.87 -3.35 6.43
C MET A 111 -14.23 -3.70 5.85
N ASP A 112 -15.19 -4.06 6.71
CA ASP A 112 -16.53 -4.33 6.20
C ASP A 112 -17.16 -3.07 5.62
N PHE A 113 -16.82 -1.90 6.16
CA PHE A 113 -17.30 -0.65 5.59
C PHE A 113 -16.84 -0.51 4.14
N VAL A 114 -15.54 -0.75 3.88
CA VAL A 114 -15.03 -0.61 2.51
C VAL A 114 -15.71 -1.59 1.57
N ALA A 115 -15.93 -2.82 2.01
CA ALA A 115 -16.54 -3.81 1.13
C ALA A 115 -17.91 -3.36 0.66
N SER A 116 -18.66 -2.64 1.48
CA SER A 116 -19.94 -2.09 1.07
C SER A 116 -19.81 -0.73 0.40
N ASP A 117 -18.95 0.13 0.94
CA ASP A 117 -18.86 1.51 0.47
C ASP A 117 -18.42 1.60 -0.99
N LYS A 118 -17.67 0.63 -1.49
CA LYS A 118 -17.24 0.70 -2.88
C LYS A 118 -18.44 0.76 -3.82
N ASN A 119 -19.59 0.23 -3.39
CA ASN A 119 -20.80 0.29 -4.19
C ASN A 119 -21.41 1.68 -4.22
N ASN A 120 -20.86 2.61 -3.45
CA ASN A 120 -21.27 4.01 -3.45
C ASN A 120 -20.28 4.90 -4.18
N ARG A 121 -19.28 4.31 -4.84
CA ARG A 121 -18.21 5.06 -5.47
C ARG A 121 -18.09 4.65 -6.92
N ASN A 122 -17.49 5.53 -7.73
CA ASN A 122 -17.27 5.28 -9.15
C ASN A 122 -15.82 4.86 -9.35
N CYS A 123 -15.61 3.57 -9.57
CA CYS A 123 -14.28 2.98 -9.69
C CYS A 123 -14.31 1.98 -10.85
N PRO A 124 -14.57 2.45 -12.06
CA PRO A 124 -14.78 1.51 -13.18
C PRO A 124 -13.58 0.62 -13.45
N LYS A 125 -12.37 1.07 -13.10
CA LYS A 125 -11.18 0.25 -13.31
C LYS A 125 -10.83 -0.66 -12.14
N GLY A 126 -11.51 -0.53 -11.01
CA GLY A 126 -11.29 -1.44 -9.90
C GLY A 126 -10.97 -0.72 -8.61
N VAL A 127 -10.95 -1.51 -7.54
CA VAL A 127 -10.87 -1.00 -6.17
C VAL A 127 -9.76 -1.74 -5.43
N VAL A 128 -8.95 -0.97 -4.69
CA VAL A 128 -7.85 -1.47 -3.89
C VAL A 128 -8.04 -0.96 -2.47
N ALA A 129 -7.56 -1.72 -1.49
CA ALA A 129 -7.49 -1.24 -0.11
C ALA A 129 -6.08 -1.46 0.41
N SER A 130 -5.53 -0.45 1.07
CA SER A 130 -4.18 -0.49 1.60
C SER A 130 -4.28 -0.43 3.12
N LEU A 131 -3.74 -1.45 3.79
CA LEU A 131 -3.81 -1.62 5.24
C LEU A 131 -2.40 -1.64 5.83
N SER A 132 -1.88 -0.46 6.16
CA SER A 132 -0.57 -0.33 6.80
C SER A 132 -0.73 -0.39 8.33
N LEU A 133 -1.19 -1.54 8.81
CA LEU A 133 -1.46 -1.71 10.23
C LEU A 133 -1.51 -3.21 10.52
N GLY A 134 -1.55 -3.53 11.81
CA GLY A 134 -1.66 -4.90 12.22
C GLY A 134 -1.31 -5.07 13.68
N GLY A 135 -1.53 -6.29 14.16
CA GLY A 135 -1.20 -6.65 15.53
C GLY A 135 -1.02 -8.15 15.61
N GLY A 136 -1.23 -8.69 16.82
CA GLY A 136 -1.08 -10.12 17.01
C GLY A 136 -2.13 -10.91 16.27
N TYR A 137 -1.86 -12.21 16.09
CA TYR A 137 -2.75 -13.07 15.34
C TYR A 137 -4.19 -13.00 15.84
N SER A 138 -5.12 -12.81 14.92
CA SER A 138 -6.55 -12.83 15.22
C SER A 138 -7.27 -13.44 14.02
N SER A 139 -7.96 -14.56 14.25
CA SER A 139 -8.74 -15.15 13.18
C SER A 139 -9.83 -14.20 12.69
N SER A 140 -10.41 -13.40 13.59
CA SER A 140 -11.48 -12.49 13.19
C SER A 140 -10.95 -11.37 12.30
N VAL A 141 -9.77 -10.85 12.60
CA VAL A 141 -9.15 -9.84 11.75
C VAL A 141 -8.81 -10.43 10.39
N ASN A 142 -8.23 -11.64 10.37
CA ASN A 142 -7.92 -12.28 9.10
C ASN A 142 -9.18 -12.52 8.28
N SER A 143 -10.26 -12.96 8.94
CA SER A 143 -11.50 -13.20 8.22
C SER A 143 -12.06 -11.92 7.62
N ALA A 144 -11.94 -10.81 8.33
CA ALA A 144 -12.41 -9.53 7.80
C ALA A 144 -11.64 -9.14 6.56
N ALA A 145 -10.32 -9.33 6.57
CA ALA A 145 -9.53 -9.04 5.38
C ALA A 145 -9.88 -10.00 4.25
N ALA A 146 -10.14 -11.26 4.56
CA ALA A 146 -10.56 -12.21 3.54
C ALA A 146 -11.90 -11.82 2.92
N ARG A 147 -12.84 -11.33 3.74
CA ARG A 147 -14.12 -10.88 3.21
C ARG A 147 -13.93 -9.70 2.28
N LEU A 148 -13.10 -8.74 2.69
CA LEU A 148 -12.89 -7.56 1.86
C LEU A 148 -12.33 -7.96 0.51
N GLN A 149 -11.35 -8.85 0.49
CA GLN A 149 -10.79 -9.36 -0.75
C GLN A 149 -11.85 -10.09 -1.57
N SER A 150 -12.61 -10.99 -0.92
CA SER A 150 -13.65 -11.74 -1.61
C SER A 150 -14.68 -10.83 -2.26
N SER A 151 -14.95 -9.68 -1.66
CA SER A 151 -15.95 -8.75 -2.17
C SER A 151 -15.53 -8.07 -3.47
N GLY A 152 -14.29 -8.23 -3.91
CA GLY A 152 -13.82 -7.63 -5.13
C GLY A 152 -12.85 -6.48 -4.95
N VAL A 153 -12.14 -6.43 -3.83
CA VAL A 153 -11.17 -5.38 -3.54
C VAL A 153 -9.80 -6.03 -3.45
N MET A 154 -8.82 -5.45 -4.13
CA MET A 154 -7.44 -5.90 -3.98
C MET A 154 -6.91 -5.42 -2.65
N VAL A 155 -6.71 -6.33 -1.70
CA VAL A 155 -6.27 -5.98 -0.36
C VAL A 155 -4.78 -6.18 -0.24
N ALA A 156 -4.06 -5.11 0.11
CA ALA A 156 -2.63 -5.16 0.39
C ALA A 156 -2.42 -4.81 1.86
N VAL A 157 -1.65 -5.62 2.57
CA VAL A 157 -1.46 -5.44 4.00
C VAL A 157 0.03 -5.48 4.34
N ALA A 158 0.40 -4.72 5.35
CA ALA A 158 1.78 -4.70 5.81
C ALA A 158 2.17 -5.99 6.53
N ALA A 159 3.38 -6.48 6.27
CA ALA A 159 3.84 -7.70 6.92
C ALA A 159 4.14 -7.49 8.40
N GLY A 160 4.50 -6.29 8.80
CA GLY A 160 4.89 -6.00 10.15
C GLY A 160 6.38 -5.75 10.28
N ASN A 161 6.76 -5.16 11.42
CA ASN A 161 8.09 -4.59 11.62
C ASN A 161 8.84 -5.22 12.78
N ASN A 162 8.64 -6.51 13.00
CA ASN A 162 9.24 -7.20 14.14
C ASN A 162 10.47 -8.04 13.77
N ASN A 163 10.93 -7.99 12.53
CA ASN A 163 11.99 -8.89 12.06
C ASN A 163 11.69 -10.33 12.47
N ALA A 164 10.46 -10.75 12.22
CA ALA A 164 9.95 -12.03 12.71
C ALA A 164 9.05 -12.64 11.64
N ASP A 165 8.63 -13.89 11.86
CA ASP A 165 7.73 -14.53 10.93
C ASP A 165 6.34 -13.91 11.04
N ALA A 166 5.82 -13.42 9.90
CA ALA A 166 4.53 -12.75 9.86
C ALA A 166 3.36 -13.68 10.14
N ARG A 167 3.59 -15.00 10.26
CA ARG A 167 2.50 -15.92 10.58
C ARG A 167 1.82 -15.58 11.88
N ASN A 168 2.49 -14.84 12.78
CA ASN A 168 1.94 -14.53 14.09
C ASN A 168 1.30 -13.16 14.17
N TYR A 169 1.01 -12.53 13.02
CA TYR A 169 0.44 -11.20 12.97
C TYR A 169 -0.75 -11.17 12.04
N SER A 170 -1.67 -10.23 12.29
CA SER A 170 -2.89 -10.09 11.50
C SER A 170 -3.10 -8.63 11.15
N PRO A 171 -3.61 -8.34 9.94
CA PRO A 171 -4.02 -9.28 8.89
C PRO A 171 -2.88 -9.87 8.03
N ALA A 172 -1.62 -9.62 8.40
CA ALA A 172 -0.48 -10.11 7.61
C ALA A 172 -0.60 -11.60 7.29
N SER A 173 -1.08 -12.39 8.25
CA SER A 173 -1.08 -13.84 8.09
C SER A 173 -2.27 -14.39 7.31
N GLU A 174 -3.19 -13.55 6.86
CA GLU A 174 -4.32 -14.04 6.07
C GLU A 174 -3.85 -14.46 4.68
N PRO A 175 -4.03 -15.73 4.28
CA PRO A 175 -3.47 -16.17 3.00
C PRO A 175 -4.02 -15.45 1.78
N SER A 176 -5.29 -15.04 1.78
CA SER A 176 -5.94 -14.61 0.56
C SER A 176 -5.67 -13.14 0.20
N VAL A 177 -5.03 -12.37 1.08
CA VAL A 177 -4.69 -10.99 0.78
C VAL A 177 -3.20 -10.90 0.39
N CYS A 178 -2.76 -9.72 0.01
CA CYS A 178 -1.39 -9.53 -0.46
C CYS A 178 -0.55 -8.97 0.68
N THR A 179 0.33 -9.79 1.23
CA THR A 179 1.14 -9.39 2.38
C THR A 179 2.49 -8.88 1.90
N VAL A 180 2.84 -7.66 2.31
CA VAL A 180 3.94 -6.89 1.73
C VAL A 180 5.07 -6.71 2.74
N GLY A 181 6.27 -7.20 2.39
CA GLY A 181 7.47 -6.89 3.14
C GLY A 181 8.19 -5.67 2.59
N ALA A 182 9.24 -5.24 3.31
CA ALA A 182 9.93 -4.00 2.97
C ALA A 182 11.39 -4.24 2.57
N SER A 183 11.86 -3.47 1.59
CA SER A 183 13.24 -3.47 1.14
C SER A 183 13.81 -2.05 1.19
N ASP A 184 15.14 -1.96 1.08
CA ASP A 184 15.84 -0.68 1.07
C ASP A 184 16.42 -0.38 -0.30
N ARG A 185 17.04 0.80 -0.41
CA ARG A 185 17.49 1.30 -1.71
C ARG A 185 18.65 0.52 -2.28
N TYR A 186 19.28 -0.35 -1.49
CA TYR A 186 20.34 -1.22 -1.96
C TYR A 186 19.85 -2.64 -2.19
N ASP A 187 18.53 -2.83 -2.28
CA ASP A 187 17.93 -4.14 -2.50
C ASP A 187 18.23 -5.12 -1.37
N ARG A 188 18.36 -4.62 -0.14
CA ARG A 188 18.42 -5.48 1.03
C ARG A 188 17.05 -5.52 1.69
N ARG A 189 16.69 -6.67 2.24
CA ARG A 189 15.53 -6.71 3.12
C ARG A 189 15.70 -5.65 4.21
N SER A 190 14.66 -4.86 4.42
CA SER A 190 14.72 -3.84 5.47
C SER A 190 14.96 -4.53 6.81
N SER A 191 15.74 -3.88 7.68
CA SER A 191 16.22 -4.54 8.90
C SER A 191 15.08 -4.98 9.80
N PHE A 192 13.97 -4.25 9.77
CA PHE A 192 12.80 -4.51 10.61
C PHE A 192 11.76 -5.39 9.93
N SER A 193 11.90 -5.69 8.65
CA SER A 193 10.78 -6.31 7.94
C SER A 193 10.52 -7.73 8.42
N ASN A 194 9.25 -8.02 8.70
CA ASN A 194 8.87 -9.40 8.89
C ASN A 194 9.08 -10.18 7.59
N TYR A 195 9.05 -11.50 7.72
CA TYR A 195 9.32 -12.42 6.63
C TYR A 195 8.42 -13.63 6.82
N GLY A 196 8.67 -14.68 6.04
CA GLY A 196 7.93 -15.92 6.18
C GLY A 196 7.16 -16.28 4.94
N SER A 197 6.63 -17.51 4.96
CA SER A 197 5.90 -18.04 3.82
C SER A 197 4.64 -17.24 3.47
N VAL A 198 4.07 -16.51 4.44
CA VAL A 198 2.84 -15.75 4.16
C VAL A 198 3.10 -14.49 3.34
N LEU A 199 4.34 -14.03 3.25
CA LEU A 199 4.62 -12.88 2.40
C LEU A 199 4.42 -13.22 0.94
N ASP A 200 3.86 -12.26 0.19
CA ASP A 200 3.66 -12.40 -1.25
C ASP A 200 4.63 -11.59 -2.09
N ILE A 201 5.19 -10.50 -1.52
CA ILE A 201 5.89 -9.53 -2.33
C ILE A 201 6.62 -8.58 -1.38
N PHE A 202 7.70 -7.97 -1.87
CA PHE A 202 8.38 -6.88 -1.20
C PHE A 202 8.19 -5.59 -1.99
N GLY A 203 8.16 -4.48 -1.26
CA GLY A 203 8.19 -3.16 -1.85
C GLY A 203 9.13 -2.24 -1.09
N PRO A 204 9.44 -1.08 -1.66
CA PRO A 204 10.33 -0.12 -0.98
C PRO A 204 9.76 0.33 0.35
N GLY A 205 10.55 0.18 1.41
CA GLY A 205 10.08 0.49 2.75
C GLY A 205 11.04 1.23 3.67
N THR A 206 12.30 1.42 3.29
CA THR A 206 13.26 2.14 4.11
C THR A 206 13.52 3.52 3.51
N ASP A 207 13.33 4.56 4.32
CA ASP A 207 13.59 5.95 3.93
C ASP A 207 12.74 6.38 2.73
N ILE A 208 11.43 6.37 2.94
CA ILE A 208 10.44 6.66 1.90
C ILE A 208 9.90 8.06 2.12
N LEU A 209 10.16 8.95 1.16
CA LEU A 209 9.66 10.32 1.22
C LEU A 209 8.22 10.35 0.72
N SER A 210 7.34 11.02 1.48
CA SER A 210 5.95 11.17 1.07
C SER A 210 5.36 12.38 1.78
N THR A 211 4.06 12.58 1.59
CA THR A 211 3.31 13.66 2.21
C THR A 211 3.22 13.48 3.72
N TRP A 212 3.04 14.60 4.42
CA TRP A 212 2.81 14.60 5.86
C TRP A 212 1.82 15.69 6.19
N ILE A 213 1.30 15.66 7.42
CA ILE A 213 0.31 16.65 7.82
C ILE A 213 0.94 18.03 7.95
N GLY A 214 0.07 19.04 7.98
CA GLY A 214 0.54 20.41 7.89
C GLY A 214 1.05 20.78 6.53
N GLY A 215 0.61 20.10 5.47
CA GLY A 215 1.05 20.41 4.12
C GLY A 215 2.52 20.19 3.89
N SER A 216 3.12 19.24 4.60
CA SER A 216 4.55 19.04 4.60
C SER A 216 4.93 17.71 3.93
N THR A 217 6.21 17.34 4.05
CA THR A 217 6.69 16.05 3.58
C THR A 217 7.72 15.54 4.59
N ARG A 218 7.89 14.21 4.62
CA ARG A 218 9.00 13.64 5.39
C ARG A 218 9.24 12.21 4.93
N SER A 219 10.41 11.71 5.32
CA SER A 219 10.83 10.36 4.97
C SER A 219 10.78 9.51 6.23
N ILE A 220 10.06 8.39 6.17
CA ILE A 220 9.96 7.44 7.27
C ILE A 220 10.07 6.03 6.70
N SER A 221 10.18 5.06 7.60
CA SER A 221 10.45 3.68 7.20
C SER A 221 9.43 2.73 7.83
N GLY A 222 9.12 1.66 7.12
CA GLY A 222 8.30 0.60 7.67
C GLY A 222 7.69 -0.24 6.57
N THR A 223 7.18 -1.41 6.97
CA THR A 223 6.34 -2.14 6.02
C THR A 223 5.06 -1.36 5.70
N SER A 224 4.71 -0.41 6.57
CA SER A 224 3.62 0.52 6.28
C SER A 224 3.89 1.35 5.05
N MET A 225 5.16 1.56 4.71
CA MET A 225 5.53 2.34 3.53
C MET A 225 5.62 1.48 2.27
N ALA A 226 5.98 0.21 2.43
CA ALA A 226 6.03 -0.71 1.29
C ALA A 226 4.63 -1.05 0.80
N THR A 227 3.69 -1.25 1.72
CA THR A 227 2.32 -1.62 1.39
C THR A 227 1.67 -0.69 0.37
N PRO A 228 1.68 0.63 0.55
CA PRO A 228 1.06 1.51 -0.44
C PRO A 228 1.75 1.53 -1.79
N HIS A 229 3.05 1.20 -1.87
CA HIS A 229 3.66 1.04 -3.18
C HIS A 229 2.95 -0.08 -3.93
N VAL A 230 2.68 -1.19 -3.26
CA VAL A 230 1.99 -2.31 -3.88
C VAL A 230 0.53 -1.99 -4.17
N ALA A 231 -0.15 -1.31 -3.25
CA ALA A 231 -1.54 -0.91 -3.49
C ALA A 231 -1.64 0.02 -4.70
N GLY A 232 -0.75 1.00 -4.76
CA GLY A 232 -0.75 1.89 -5.91
C GLY A 232 -0.40 1.17 -7.20
N LEU A 233 0.55 0.24 -7.13
CA LEU A 233 0.89 -0.55 -8.31
C LEU A 233 -0.32 -1.35 -8.81
N ALA A 234 -1.06 -1.97 -7.88
CA ALA A 234 -2.26 -2.72 -8.26
C ALA A 234 -3.26 -1.82 -8.96
N ALA A 235 -3.52 -0.63 -8.40
CA ALA A 235 -4.47 0.29 -9.03
C ALA A 235 -4.01 0.66 -10.44
N TYR A 236 -2.72 0.94 -10.59
CA TYR A 236 -2.13 1.27 -11.89
C TYR A 236 -2.31 0.13 -12.88
N LEU A 237 -2.04 -1.11 -12.45
CA LEU A 237 -2.14 -2.25 -13.36
C LEU A 237 -3.59 -2.58 -13.71
N MET A 238 -4.51 -2.39 -12.77
CA MET A 238 -5.93 -2.60 -13.05
C MET A 238 -6.44 -1.57 -14.05
N THR A 239 -6.00 -0.31 -13.92
CA THR A 239 -6.38 0.70 -14.90
C THR A 239 -5.88 0.33 -16.29
N LEU A 240 -4.68 -0.25 -16.38
CA LEU A 240 -4.16 -0.71 -17.66
C LEU A 240 -4.87 -1.93 -18.20
N GLY A 241 -5.74 -2.55 -17.41
CA GLY A 241 -6.40 -3.77 -17.84
C GLY A 241 -5.55 -5.01 -17.80
N LYS A 242 -4.40 -4.97 -17.12
CA LYS A 242 -3.49 -6.11 -17.11
C LYS A 242 -3.88 -7.16 -16.08
N THR A 243 -4.68 -6.80 -15.08
CA THR A 243 -5.07 -7.74 -14.03
C THR A 243 -6.36 -7.22 -13.40
N THR A 244 -6.88 -7.97 -12.42
CA THR A 244 -8.12 -7.68 -11.72
C THR A 244 -7.84 -7.70 -10.23
N ALA A 245 -8.82 -7.26 -9.44
CA ALA A 245 -8.64 -7.27 -7.99
C ALA A 245 -8.37 -8.68 -7.47
N ALA A 246 -9.04 -9.68 -8.02
CA ALA A 246 -8.87 -11.04 -7.53
C ALA A 246 -7.48 -11.59 -7.85
N SER A 247 -6.87 -11.13 -8.94
CA SER A 247 -5.64 -11.73 -9.44
C SER A 247 -4.42 -10.82 -9.33
N ALA A 248 -4.58 -9.61 -8.82
CA ALA A 248 -3.51 -8.61 -8.89
C ALA A 248 -2.29 -9.01 -8.07
N CYS A 249 -2.49 -9.56 -6.87
CA CYS A 249 -1.34 -9.97 -6.07
C CYS A 249 -0.52 -11.03 -6.79
N ARG A 250 -1.20 -12.02 -7.34
CA ARG A 250 -0.51 -13.07 -8.10
C ARG A 250 0.18 -12.51 -9.33
N TYR A 251 -0.48 -11.58 -10.03
CA TYR A 251 0.11 -10.97 -11.20
C TYR A 251 1.35 -10.17 -10.84
N ILE A 252 1.28 -9.42 -9.73
CA ILE A 252 2.43 -8.67 -9.27
C ILE A 252 3.59 -9.61 -8.93
N ALA A 253 3.29 -10.73 -8.26
CA ALA A 253 4.35 -11.72 -8.01
C ALA A 253 4.89 -12.30 -9.31
N ASP A 254 4.01 -12.60 -10.28
CA ASP A 254 4.43 -13.19 -11.55
C ASP A 254 5.41 -12.28 -12.27
N THR A 255 5.17 -10.97 -12.19
CA THR A 255 5.89 -9.99 -12.98
C THR A 255 6.97 -9.27 -12.19
N ALA A 256 7.21 -9.70 -10.96
CA ALA A 256 8.15 -9.03 -10.07
C ALA A 256 9.59 -9.21 -10.54
N ASN A 257 10.48 -8.33 -10.08
CA ASN A 257 11.90 -8.61 -10.15
C ASN A 257 12.22 -9.74 -9.19
N LYS A 258 12.88 -10.80 -9.68
CA LYS A 258 13.04 -12.06 -8.95
C LYS A 258 14.49 -12.27 -8.54
N GLY A 259 14.69 -12.66 -7.29
CA GLY A 259 16.00 -13.05 -6.82
C GLY A 259 16.99 -11.93 -6.63
N ASP A 260 16.54 -10.67 -6.56
CA ASP A 260 17.45 -9.54 -6.50
C ASP A 260 17.64 -8.97 -5.11
N LEU A 261 16.89 -9.43 -4.12
CA LEU A 261 17.02 -8.91 -2.76
C LEU A 261 17.97 -9.77 -1.94
N SER A 262 18.68 -9.11 -1.03
CA SER A 262 19.58 -9.80 -0.12
C SER A 262 18.96 -9.93 1.27
N ASN A 263 19.49 -10.89 2.03
CA ASN A 263 19.03 -11.21 3.38
C ASN A 263 17.55 -11.61 3.43
N ILE A 264 17.10 -12.33 2.41
CA ILE A 264 15.78 -12.94 2.40
C ILE A 264 15.92 -14.34 2.98
N PRO A 265 15.28 -14.65 4.11
CA PRO A 265 15.43 -15.99 4.69
C PRO A 265 14.92 -17.07 3.77
N PHE A 266 15.56 -18.22 3.84
CA PHE A 266 15.10 -19.41 3.14
C PHE A 266 13.62 -19.63 3.43
N GLY A 267 12.82 -19.78 2.37
CA GLY A 267 11.39 -20.00 2.50
C GLY A 267 10.52 -18.77 2.36
N THR A 268 11.12 -17.59 2.24
CA THR A 268 10.40 -16.35 1.97
C THR A 268 10.65 -15.98 0.51
N VAL A 269 9.60 -15.50 -0.18
CA VAL A 269 9.74 -15.13 -1.58
C VAL A 269 10.78 -14.04 -1.74
N ASN A 270 11.54 -14.12 -2.83
CA ASN A 270 12.50 -13.08 -3.19
C ASN A 270 11.94 -12.39 -4.43
N LEU A 271 10.97 -11.51 -4.20
CA LEU A 271 10.20 -10.87 -5.26
C LEU A 271 10.01 -9.41 -4.91
N LEU A 272 10.36 -8.53 -5.83
CA LEU A 272 10.30 -7.09 -5.63
C LEU A 272 9.34 -6.48 -6.65
N ALA A 273 8.34 -5.74 -6.15
CA ALA A 273 7.29 -5.20 -7.00
C ALA A 273 7.87 -4.39 -8.16
N TYR A 274 7.30 -4.56 -9.35
CA TYR A 274 7.86 -4.01 -10.58
C TYR A 274 6.73 -3.80 -11.58
N ASN A 275 6.66 -2.60 -12.17
CA ASN A 275 5.56 -2.27 -13.07
C ASN A 275 5.77 -2.74 -14.51
N ASN A 276 6.96 -3.22 -14.85
CA ASN A 276 7.28 -3.71 -16.20
C ASN A 276 6.87 -2.71 -17.28
N TYR A 277 7.00 -1.42 -16.98
CA TYR A 277 6.65 -0.42 -17.96
C TYR A 277 7.81 -0.24 -18.93
N GLN A 278 7.52 -0.37 -20.22
CA GLN A 278 8.52 -0.14 -21.26
C GLN A 278 8.21 1.20 -21.92
N ALA A 279 9.03 2.20 -21.63
CA ALA A 279 8.83 3.54 -22.18
C ALA A 279 9.02 3.58 -23.69
S SO4 B . 15.46 9.56 -1.85
O1 SO4 B . 15.58 9.11 -0.48
O2 SO4 B . 16.42 8.85 -2.71
O3 SO4 B . 14.10 9.29 -2.33
O4 SO4 B . 15.74 11.00 -1.93
C4 4AQ C . 0.73 3.10 13.90
C5 4AQ C . 0.25 1.65 13.87
C6 4AQ C . 1.54 0.48 12.23
N1 4AQ C . 1.39 0.78 13.64
C7 4AQ C . 2.78 -0.38 12.02
C8 4AQ C . 2.55 -1.81 12.53
N2 4AQ C . 2.43 -3.34 14.13
C9 4AQ C . 2.67 -2.03 13.89
C10 4AQ C . 2.16 -3.95 12.92
C11 4AQ C . 2.23 -3.00 11.94
C12 4AQ C . 1.99 -3.37 10.60
C13 4AQ C . 1.68 -4.68 10.29
C14 4AQ C . 1.61 -5.65 11.28
C15 4AQ C . 1.85 -5.29 12.60
C 4AQ C . 1.64 3.10 16.24
N 4AQ C . 1.33 3.71 14.95
C3 4AQ C . 0.63 4.01 12.89
C2 4AQ C . 1.17 5.17 13.30
C1 4AQ C . 1.61 4.99 14.59
#